data_6QJ6
#
_entry.id   6QJ6
#
_cell.length_a   75.926
_cell.length_b   83.843
_cell.length_c   84.978
_cell.angle_alpha   90.00
_cell.angle_beta   90.00
_cell.angle_gamma   90.00
#
_symmetry.space_group_name_H-M   'P 21 21 21'
#
loop_
_entity.id
_entity.type
_entity.pdbx_description
1 polymer 'Trehalose 6-phosphate phosphatase'
2 non-polymer 'MAGNESIUM ION'
3 non-polymer 'CHLORIDE ION'
4 water water
#
_entity_poly.entity_id   1
_entity_poly.type   'polypeptide(L)'
_entity_poly.pdbx_seq_one_letter_code
;MRTFARRARPPAAILFSESMQSIPLSLPLSRTAFFFDFDGTLVDLAPTPDAIQVPPDVPVLVDALRQLSHGAVAIVSGRG
IDSIDAYLNLPGLPVAGLHGAERRDANGDTQRIGFDDPRLLRIERELAALVDRHPGMLLEIKGAALALHFRNAPEREGVA
RAAAERLVADYADAYVLQPGKMVFEIKPKGVDKGRAVAAFLNEPPFAGRMPVFAGDDLTDEQGFAVANANGGLSIKVGAG
DTTARARVDSVAALRAQLARWIAAGRAPA
;
_entity_poly.pdbx_strand_id   A,E
#
loop_
_chem_comp.id
_chem_comp.type
_chem_comp.name
_chem_comp.formula
CL non-polymer 'CHLORIDE ION' 'Cl -1'
MG non-polymer 'MAGNESIUM ION' 'Mg 2'
#
# COMPACT_ATOMS: atom_id res chain seq x y z
N ARG A 2 -3.29 15.07 22.35
CA ARG A 2 -4.21 15.72 21.45
C ARG A 2 -4.70 14.64 20.52
N THR A 3 -3.81 13.89 19.87
CA THR A 3 -4.20 12.81 18.94
C THR A 3 -4.04 11.38 19.49
N PHE A 4 -4.95 10.49 19.12
CA PHE A 4 -4.86 9.11 19.59
C PHE A 4 -4.44 8.06 18.50
N ALA A 5 -4.34 6.81 18.86
CA ALA A 5 -3.97 5.77 17.89
C ALA A 5 -4.89 4.56 18.08
N ARG A 6 -6.19 4.79 17.89
CA ARG A 6 -7.16 3.74 18.09
C ARG A 6 -7.07 2.70 16.98
N ARG A 7 -7.06 1.43 17.36
CA ARG A 7 -6.94 0.31 16.46
C ARG A 7 -8.24 -0.49 16.50
N ALA A 8 -8.60 -1.11 15.38
CA ALA A 8 -9.66 -2.12 15.37
C ALA A 8 -9.09 -3.46 15.79
N ARG A 9 -9.91 -4.27 16.46
CA ARG A 9 -9.43 -5.57 16.90
C ARG A 9 -8.85 -6.32 15.69
N PRO A 10 -7.62 -6.82 15.77
CA PRO A 10 -6.93 -7.35 14.58
C PRO A 10 -7.70 -8.51 13.98
N PRO A 11 -7.88 -8.53 12.65
CA PRO A 11 -8.66 -9.62 12.03
C PRO A 11 -8.07 -11.00 12.24
N ALA A 12 -6.80 -11.10 12.64
CA ALA A 12 -6.19 -12.40 12.87
C ALA A 12 -6.83 -13.09 14.09
N ALA A 13 -7.29 -14.31 13.88
CA ALA A 13 -7.89 -15.11 14.94
C ALA A 13 -6.98 -16.24 15.40
N ILE A 14 -5.83 -16.42 14.75
CA ILE A 14 -4.86 -17.45 15.11
C ILE A 14 -3.51 -16.78 15.33
N LEU A 15 -2.83 -17.16 16.40
CA LEU A 15 -1.46 -16.76 16.68
C LEU A 15 -0.65 -18.01 17.00
N PHE A 16 0.52 -18.13 16.39
CA PHE A 16 1.46 -19.19 16.73
C PHE A 16 2.56 -18.62 17.64
N SER A 17 2.88 -19.33 18.71
CA SER A 17 3.93 -18.93 19.65
C SER A 17 5.31 -19.23 19.07
N GLU A 18 6.35 -18.77 19.78
CA GLU A 18 7.72 -19.01 19.34
C GLU A 18 8.17 -20.39 19.81
N SER A 19 7.82 -21.38 19.00
CA SER A 19 8.22 -22.77 19.21
CA SER A 19 8.23 -22.77 19.20
C SER A 19 7.98 -23.51 17.89
N MET A 20 8.54 -24.70 17.78
CA MET A 20 8.20 -25.54 16.64
C MET A 20 6.71 -25.84 16.69
N GLN A 21 6.09 -25.95 15.50
CA GLN A 21 4.65 -26.11 15.44
C GLN A 21 4.28 -27.20 14.44
N SER A 22 3.17 -27.89 14.73
CA SER A 22 2.57 -28.79 13.76
C SER A 22 1.74 -27.99 12.77
N ILE A 23 1.84 -28.36 11.50
CA ILE A 23 1.05 -27.65 10.48
C ILE A 23 -0.43 -27.91 10.75
N PRO A 24 -1.25 -26.87 10.86
CA PRO A 24 -2.66 -27.07 11.22
C PRO A 24 -3.42 -27.81 10.12
N LEU A 25 -4.49 -28.50 10.55
CA LEU A 25 -5.38 -29.14 9.59
C LEU A 25 -6.04 -28.10 8.69
N SER A 26 -6.47 -26.99 9.27
CA SER A 26 -7.17 -25.94 8.55
C SER A 26 -6.75 -24.58 9.09
N LEU A 27 -7.07 -23.54 8.33
CA LEU A 27 -6.85 -22.16 8.71
C LEU A 27 -8.04 -21.34 8.26
N PRO A 28 -8.42 -20.30 9.04
CA PRO A 28 -9.51 -19.42 8.59
C PRO A 28 -9.06 -18.57 7.41
N LEU A 29 -9.33 -19.05 6.19
CA LEU A 29 -8.67 -18.54 5.00
C LEU A 29 -8.91 -17.04 4.79
N SER A 30 -10.04 -16.52 5.26
CA SER A 30 -10.30 -15.09 5.06
C SER A 30 -9.67 -14.23 6.13
N ARG A 31 -8.98 -14.83 7.10
CA ARG A 31 -8.21 -14.08 8.09
C ARG A 31 -6.73 -14.40 8.02
N THR A 32 -6.29 -15.09 6.97
CA THR A 32 -4.90 -15.50 6.80
C THR A 32 -4.33 -14.85 5.53
N ALA A 33 -3.04 -14.55 5.58
CA ALA A 33 -2.29 -13.99 4.46
C ALA A 33 -1.20 -14.99 4.06
N PHE A 34 -1.11 -15.29 2.76
CA PHE A 34 -0.23 -16.35 2.28
C PHE A 34 0.86 -15.76 1.40
N PHE A 35 2.11 -16.13 1.69
CA PHE A 35 3.28 -15.68 0.95
C PHE A 35 4.10 -16.90 0.57
N PHE A 36 4.30 -17.11 -0.73
CA PHE A 36 5.00 -18.30 -1.22
C PHE A 36 6.20 -17.90 -2.07
N ASP A 37 7.35 -18.50 -1.77
CA ASP A 37 8.43 -18.59 -2.73
C ASP A 37 8.00 -19.52 -3.89
N PHE A 38 8.70 -19.43 -5.02
CA PHE A 38 8.32 -20.22 -6.18
C PHE A 38 9.23 -21.44 -6.38
N ASP A 39 10.43 -21.24 -6.95
CA ASP A 39 11.32 -22.37 -7.22
C ASP A 39 11.73 -23.07 -5.93
N GLY A 40 11.63 -24.39 -5.94
CA GLY A 40 11.97 -25.19 -4.77
C GLY A 40 10.92 -25.19 -3.68
N THR A 41 9.84 -24.42 -3.85
CA THR A 41 8.79 -24.30 -2.85
C THR A 41 7.45 -24.74 -3.41
N LEU A 42 6.95 -24.07 -4.46
CA LEU A 42 5.74 -24.51 -5.14
C LEU A 42 6.03 -25.39 -6.33
N VAL A 43 7.27 -25.37 -6.80
CA VAL A 43 7.68 -26.08 -8.00
CA VAL A 43 7.67 -26.10 -7.90
C VAL A 43 9.07 -26.62 -7.73
N ASP A 44 9.38 -27.78 -8.32
CA ASP A 44 10.68 -28.40 -8.06
C ASP A 44 11.82 -27.58 -8.67
N LEU A 45 12.94 -27.56 -7.97
CA LEU A 45 14.15 -26.93 -8.52
C LEU A 45 14.66 -27.76 -9.68
N ALA A 46 15.03 -27.09 -10.76
CA ALA A 46 15.47 -27.76 -11.98
C ALA A 46 16.96 -27.49 -12.23
N PRO A 47 17.62 -28.29 -13.08
CA PRO A 47 19.06 -28.08 -13.33
C PRO A 47 19.43 -26.66 -13.74
N THR A 48 18.53 -25.93 -14.39
CA THR A 48 18.72 -24.53 -14.73
C THR A 48 17.39 -23.82 -14.57
N PRO A 49 17.40 -22.48 -14.39
CA PRO A 49 16.13 -21.77 -14.19
C PRO A 49 15.13 -21.97 -15.32
N ASP A 50 15.62 -22.00 -16.56
CA ASP A 50 14.75 -22.15 -17.72
C ASP A 50 14.15 -23.54 -17.85
N ALA A 51 14.52 -24.49 -16.99
CA ALA A 51 14.11 -25.88 -17.14
C ALA A 51 13.08 -26.32 -16.11
N ILE A 52 12.46 -25.38 -15.38
CA ILE A 52 11.48 -25.78 -14.38
C ILE A 52 10.19 -26.24 -15.05
N GLN A 53 9.49 -27.14 -14.40
CA GLN A 53 8.22 -27.69 -14.88
C GLN A 53 7.15 -27.32 -13.88
N VAL A 54 6.16 -26.54 -14.32
CA VAL A 54 5.06 -26.09 -13.47
C VAL A 54 3.87 -27.01 -13.68
N PRO A 55 3.56 -27.91 -12.75
CA PRO A 55 2.37 -28.74 -12.92
C PRO A 55 1.13 -27.88 -12.91
N PRO A 56 0.07 -28.32 -13.60
CA PRO A 56 -1.18 -27.52 -13.61
C PRO A 56 -1.79 -27.36 -12.23
N ASP A 57 -1.44 -28.24 -11.29
CA ASP A 57 -1.94 -28.11 -9.93
C ASP A 57 -1.51 -26.81 -9.29
N VAL A 58 -0.34 -26.29 -9.65
CA VAL A 58 0.21 -25.11 -8.96
C VAL A 58 -0.67 -23.88 -9.20
N PRO A 59 -0.97 -23.48 -10.44
CA PRO A 59 -1.87 -22.32 -10.60
C PRO A 59 -3.28 -22.56 -10.08
N VAL A 60 -3.78 -23.79 -10.17
CA VAL A 60 -5.13 -24.07 -9.67
C VAL A 60 -5.18 -23.88 -8.15
N LEU A 61 -4.18 -24.39 -7.44
CA LEU A 61 -4.17 -24.24 -5.98
C LEU A 61 -3.93 -22.80 -5.56
N VAL A 62 -3.00 -22.10 -6.20
CA VAL A 62 -2.76 -20.71 -5.83
C VAL A 62 -4.01 -19.87 -6.07
N ASP A 63 -4.69 -20.08 -7.21
CA ASP A 63 -5.87 -19.28 -7.51
C ASP A 63 -7.03 -19.59 -6.58
N ALA A 64 -7.20 -20.86 -6.20
CA ALA A 64 -8.26 -21.20 -5.24
C ALA A 64 -7.98 -20.56 -3.88
N LEU A 65 -6.71 -20.55 -3.46
CA LEU A 65 -6.35 -19.88 -2.21
C LEU A 65 -6.60 -18.37 -2.31
N ARG A 66 -6.34 -17.80 -3.45
CA ARG A 66 -6.56 -16.44 -3.68
C ARG A 66 -8.07 -16.12 -3.58
N GLN A 67 -8.87 -16.94 -4.20
CA GLN A 67 -10.32 -16.74 -4.13
C GLN A 67 -10.81 -16.86 -2.69
N LEU A 68 -10.47 -17.96 -2.01
CA LEU A 68 -11.02 -18.24 -0.69
C LEU A 68 -10.52 -17.27 0.37
N SER A 69 -9.34 -16.70 0.17
CA SER A 69 -8.79 -15.70 1.08
C SER A 69 -9.12 -14.27 0.68
N HIS A 70 -9.85 -14.10 -0.38
CA HIS A 70 -10.21 -12.82 -0.85
C HIS A 70 -9.06 -11.92 -1.26
N GLY A 71 -8.05 -12.50 -1.90
CA GLY A 71 -6.96 -11.76 -2.52
C GLY A 71 -5.66 -11.77 -1.76
N ALA A 72 -5.61 -12.34 -0.56
CA ALA A 72 -4.45 -12.23 0.33
C ALA A 72 -3.41 -13.31 0.06
N VAL A 73 -3.04 -13.49 -1.21
CA VAL A 73 -1.99 -14.43 -1.60
C VAL A 73 -0.96 -13.66 -2.42
N ALA A 74 0.31 -13.84 -2.10
CA ALA A 74 1.38 -13.24 -2.87
C ALA A 74 2.50 -14.24 -3.09
N ILE A 75 3.12 -14.15 -4.26
CA ILE A 75 4.38 -14.83 -4.54
C ILE A 75 5.50 -13.89 -4.12
N VAL A 76 6.46 -14.42 -3.38
CA VAL A 76 7.63 -13.67 -2.94
C VAL A 76 8.85 -14.47 -3.42
N SER A 77 9.35 -14.13 -4.61
CA SER A 77 10.31 -14.98 -5.32
CA SER A 77 10.30 -14.99 -5.22
C SER A 77 11.63 -14.26 -5.57
N GLY A 78 12.64 -15.07 -5.92
CA GLY A 78 13.84 -14.55 -6.54
C GLY A 78 13.74 -14.33 -8.03
N ARG A 79 12.72 -14.92 -8.67
CA ARG A 79 12.39 -14.62 -10.06
C ARG A 79 11.82 -13.22 -10.18
N GLY A 80 11.84 -12.70 -11.40
CA GLY A 80 11.12 -11.48 -11.68
C GLY A 80 9.62 -11.71 -11.75
N ILE A 81 8.87 -10.63 -11.58
CA ILE A 81 7.41 -10.70 -11.66
C ILE A 81 6.96 -11.23 -13.02
N ASP A 82 7.59 -10.76 -14.09
CA ASP A 82 7.19 -11.18 -15.43
C ASP A 82 7.36 -12.69 -15.59
N SER A 83 8.41 -13.26 -15.00
CA SER A 83 8.62 -14.71 -15.05
C SER A 83 7.51 -15.44 -14.31
N ILE A 84 7.20 -15.01 -13.08
CA ILE A 84 6.09 -15.58 -12.32
C ILE A 84 4.79 -15.50 -13.11
N ASP A 85 4.55 -14.34 -13.75
CA ASP A 85 3.36 -14.20 -14.58
C ASP A 85 3.37 -15.19 -15.74
N ALA A 86 4.55 -15.44 -16.31
CA ALA A 86 4.65 -16.36 -17.45
C ALA A 86 4.32 -17.80 -17.07
N TYR A 87 4.49 -18.17 -15.80
CA TYR A 87 4.31 -19.55 -15.35
C TYR A 87 2.95 -19.80 -14.69
N LEU A 88 2.41 -18.83 -13.95
CA LEU A 88 1.10 -19.00 -13.33
C LEU A 88 -0.02 -18.43 -14.16
N ASN A 89 0.25 -17.38 -14.93
CA ASN A 89 -0.77 -16.63 -15.67
C ASN A 89 -2.02 -16.41 -14.83
N LEU A 90 -1.80 -15.92 -13.61
CA LEU A 90 -2.91 -15.50 -12.75
C LEU A 90 -2.97 -13.98 -12.78
N PRO A 91 -3.87 -13.38 -13.55
CA PRO A 91 -3.84 -11.92 -13.73
C PRO A 91 -4.05 -11.18 -12.42
N GLY A 92 -3.16 -10.23 -12.14
CA GLY A 92 -3.29 -9.39 -10.97
C GLY A 92 -2.87 -10.02 -9.67
N LEU A 93 -2.23 -11.18 -9.70
CA LEU A 93 -1.69 -11.78 -8.49
C LEU A 93 -0.61 -10.87 -7.91
N PRO A 94 -0.70 -10.51 -6.63
CA PRO A 94 0.41 -9.76 -6.02
C PRO A 94 1.69 -10.59 -6.06
N VAL A 95 2.79 -9.95 -6.47
CA VAL A 95 4.08 -10.61 -6.60
C VAL A 95 5.18 -9.64 -6.15
N ALA A 96 6.01 -10.09 -5.22
CA ALA A 96 7.32 -9.50 -4.99
C ALA A 96 8.34 -10.38 -5.70
N GLY A 97 9.06 -9.80 -6.66
CA GLY A 97 10.08 -10.51 -7.40
C GLY A 97 11.47 -9.98 -7.10
N LEU A 98 12.46 -10.71 -7.59
CA LEU A 98 13.86 -10.33 -7.44
C LEU A 98 14.22 -10.09 -5.99
N HIS A 99 13.76 -10.97 -5.10
CA HIS A 99 14.03 -10.91 -3.68
C HIS A 99 13.52 -9.62 -3.03
N GLY A 100 12.54 -8.96 -3.64
CA GLY A 100 12.02 -7.70 -3.14
C GLY A 100 12.41 -6.49 -3.95
N ALA A 101 13.25 -6.65 -4.98
CA ALA A 101 13.68 -5.51 -5.79
C ALA A 101 12.59 -5.00 -6.72
N GLU A 102 11.53 -5.77 -6.93
CA GLU A 102 10.33 -5.27 -7.59
C GLU A 102 9.12 -5.87 -6.89
N ARG A 103 8.04 -5.09 -6.83
CA ARG A 103 6.84 -5.54 -6.13
C ARG A 103 5.60 -4.95 -6.80
N ARG A 104 4.65 -5.83 -7.12
CA ARG A 104 3.35 -5.43 -7.64
C ARG A 104 2.32 -5.63 -6.52
N ASP A 105 1.64 -4.56 -6.12
CA ASP A 105 0.69 -4.64 -5.03
C ASP A 105 -0.67 -5.09 -5.55
N ALA A 106 -1.67 -5.10 -4.66
CA ALA A 106 -2.98 -5.64 -5.01
C ALA A 106 -3.76 -4.72 -5.94
N ASN A 107 -3.39 -3.44 -6.04
CA ASN A 107 -3.98 -2.58 -7.06
C ASN A 107 -3.35 -2.81 -8.43
N GLY A 108 -2.27 -3.58 -8.51
CA GLY A 108 -1.56 -3.76 -9.75
C GLY A 108 -0.50 -2.72 -10.03
N ASP A 109 -0.12 -1.92 -9.04
CA ASP A 109 0.97 -0.97 -9.17
C ASP A 109 2.30 -1.67 -8.90
N THR A 110 3.28 -1.43 -9.76
CA THR A 110 4.56 -2.09 -9.68
C THR A 110 5.65 -1.07 -9.38
N GLN A 111 6.44 -1.35 -8.35
CA GLN A 111 7.57 -0.51 -7.95
C GLN A 111 8.84 -1.30 -8.19
N ARG A 112 9.86 -0.67 -8.75
CA ARG A 112 11.11 -1.32 -9.00
C ARG A 112 12.27 -0.50 -8.52
N ILE A 113 13.34 -1.16 -8.19
CA ILE A 113 14.53 -0.49 -7.80
C ILE A 113 15.76 -1.11 -8.42
N GLY A 114 16.65 -0.24 -8.85
CA GLY A 114 17.89 -0.65 -9.41
C GLY A 114 17.89 -1.01 -10.88
N PHE A 115 16.77 -0.84 -11.55
CA PHE A 115 16.80 -1.18 -12.97
C PHE A 115 17.58 -0.14 -13.75
N ASP A 116 18.37 -0.60 -14.73
CA ASP A 116 19.20 0.24 -15.59
C ASP A 116 20.35 0.90 -14.83
N ASP A 117 20.69 0.41 -13.65
CA ASP A 117 21.78 1.01 -12.89
C ASP A 117 23.11 0.74 -13.61
N PRO A 118 23.90 1.77 -13.90
CA PRO A 118 25.15 1.54 -14.64
C PRO A 118 26.14 0.64 -13.91
N ARG A 119 26.09 0.58 -12.58
CA ARG A 119 27.01 -0.28 -11.84
C ARG A 119 26.70 -1.76 -12.10
N LEU A 120 25.42 -2.10 -12.20
CA LEU A 120 25.05 -3.48 -12.49
C LEU A 120 25.62 -3.93 -13.84
N LEU A 121 25.60 -3.03 -14.82
CA LEU A 121 26.17 -3.35 -16.13
C LEU A 121 27.66 -3.61 -16.05
N ARG A 122 28.36 -2.86 -15.18
CA ARG A 122 29.78 -3.11 -14.99
C ARG A 122 30.02 -4.44 -14.26
N ILE A 123 29.21 -4.74 -13.24
CA ILE A 123 29.29 -6.03 -12.58
C ILE A 123 29.02 -7.14 -13.57
N GLU A 124 27.98 -6.97 -14.39
CA GLU A 124 27.61 -7.99 -15.36
C GLU A 124 28.76 -8.28 -16.32
N ARG A 125 29.47 -7.24 -16.75
CA ARG A 125 30.55 -7.43 -17.71
C ARG A 125 31.68 -8.26 -17.10
N GLU A 126 31.95 -8.09 -15.81
CA GLU A 126 33.00 -8.86 -15.16
C GLU A 126 32.59 -10.31 -14.96
N LEU A 127 31.31 -10.54 -14.62
CA LEU A 127 30.84 -11.91 -14.49
C LEU A 127 30.79 -12.61 -15.83
N ALA A 128 30.45 -11.87 -16.90
CA ALA A 128 30.46 -12.46 -18.22
C ALA A 128 31.85 -12.96 -18.60
N ALA A 129 32.87 -12.17 -18.30
CA ALA A 129 34.24 -12.63 -18.53
C ALA A 129 34.57 -13.82 -17.64
N LEU A 130 34.01 -13.87 -16.43
CA LEU A 130 34.27 -14.97 -15.52
C LEU A 130 33.72 -16.29 -16.06
N VAL A 131 32.47 -16.29 -16.50
CA VAL A 131 31.88 -17.54 -16.98
C VAL A 131 32.45 -17.94 -18.32
N ASP A 132 33.04 -16.98 -19.06
CA ASP A 132 33.78 -17.33 -20.26
C ASP A 132 34.95 -18.25 -19.94
N ARG A 133 35.67 -17.96 -18.84
CA ARG A 133 36.81 -18.75 -18.42
C ARG A 133 36.43 -20.04 -17.68
N HIS A 134 35.15 -20.26 -17.40
CA HIS A 134 34.73 -21.39 -16.55
C HIS A 134 33.50 -22.08 -17.12
N PRO A 135 33.69 -23.02 -18.04
CA PRO A 135 32.53 -23.75 -18.60
C PRO A 135 31.73 -24.44 -17.50
N GLY A 136 30.41 -24.44 -17.66
CA GLY A 136 29.51 -25.02 -16.70
C GLY A 136 28.90 -24.02 -15.74
N MET A 137 29.56 -22.89 -15.52
CA MET A 137 28.94 -21.78 -14.83
C MET A 137 27.95 -21.10 -15.76
N LEU A 138 26.91 -20.51 -15.18
CA LEU A 138 25.88 -19.83 -15.97
C LEU A 138 25.60 -18.48 -15.35
N LEU A 139 25.71 -17.42 -16.14
CA LEU A 139 25.32 -16.09 -15.71
C LEU A 139 23.89 -15.81 -16.15
N GLU A 140 22.98 -15.64 -15.19
CA GLU A 140 21.59 -15.30 -15.46
C GLU A 140 21.38 -13.82 -15.15
N ILE A 141 20.95 -13.06 -16.15
CA ILE A 141 20.72 -11.62 -15.99
C ILE A 141 19.23 -11.42 -15.72
N LYS A 142 18.92 -10.77 -14.60
CA LYS A 142 17.55 -10.68 -14.10
C LYS A 142 17.19 -9.21 -13.84
N GLY A 143 17.25 -8.39 -14.89
CA GLY A 143 16.81 -7.01 -14.77
C GLY A 143 17.71 -6.21 -13.86
N ALA A 144 17.27 -5.96 -12.62
CA ALA A 144 18.08 -5.23 -11.66
C ALA A 144 19.01 -6.12 -10.85
N ALA A 145 18.97 -7.45 -11.04
CA ALA A 145 19.80 -8.37 -10.28
C ALA A 145 20.51 -9.31 -11.24
N LEU A 146 21.49 -10.04 -10.71
CA LEU A 146 22.24 -11.04 -11.46
C LEU A 146 22.35 -12.30 -10.62
N ALA A 147 22.38 -13.46 -11.29
CA ALA A 147 22.56 -14.74 -10.61
C ALA A 147 23.72 -15.50 -11.25
N LEU A 148 24.69 -15.88 -10.42
CA LEU A 148 25.88 -16.62 -10.87
C LEU A 148 25.70 -18.08 -10.44
N HIS A 149 25.32 -18.93 -11.39
CA HIS A 149 24.99 -20.32 -11.12
C HIS A 149 26.21 -21.20 -11.28
N PHE A 150 26.31 -22.22 -10.42
CA PHE A 150 27.37 -23.20 -10.56
C PHE A 150 26.87 -24.62 -10.29
N ARG A 151 25.57 -24.87 -10.47
CA ARG A 151 25.05 -26.22 -10.25
C ARG A 151 25.71 -27.22 -11.20
N ASN A 152 26.07 -26.78 -12.40
CA ASN A 152 26.71 -27.65 -13.39
C ASN A 152 28.21 -27.43 -13.45
N ALA A 153 28.78 -26.81 -12.42
CA ALA A 153 30.21 -26.69 -12.24
C ALA A 153 30.50 -26.59 -10.74
N PRO A 154 30.16 -27.62 -9.95
CA PRO A 154 30.28 -27.51 -8.49
C PRO A 154 31.71 -27.29 -8.03
N GLU A 155 32.70 -27.70 -8.82
CA GLU A 155 34.09 -27.48 -8.49
C GLU A 155 34.47 -26.00 -8.54
N ARG A 156 33.59 -25.15 -9.07
CA ARG A 156 33.85 -23.71 -9.18
C ARG A 156 33.05 -22.90 -8.16
N GLU A 157 32.57 -23.53 -7.09
CA GLU A 157 31.89 -22.77 -6.04
C GLU A 157 32.81 -21.71 -5.44
N GLY A 158 34.09 -22.06 -5.25
CA GLY A 158 35.02 -21.12 -4.65
C GLY A 158 35.24 -19.89 -5.49
N VAL A 159 35.41 -20.06 -6.80
CA VAL A 159 35.67 -18.92 -7.66
C VAL A 159 34.40 -18.08 -7.83
N ALA A 160 33.24 -18.72 -7.86
CA ALA A 160 31.98 -17.98 -7.91
C ALA A 160 31.84 -17.09 -6.68
N ARG A 161 32.08 -17.64 -5.49
CA ARG A 161 31.94 -16.88 -4.26
C ARG A 161 32.91 -15.71 -4.22
N ALA A 162 34.18 -15.95 -4.53
CA ALA A 162 35.18 -14.90 -4.46
C ALA A 162 34.88 -13.77 -5.44
N ALA A 163 34.48 -14.13 -6.67
CA ALA A 163 34.17 -13.12 -7.67
C ALA A 163 32.97 -12.27 -7.25
N ALA A 164 31.89 -12.92 -6.81
CA ALA A 164 30.70 -12.19 -6.43
C ALA A 164 30.92 -11.36 -5.18
N GLU A 165 31.62 -11.92 -4.18
CA GLU A 165 31.93 -11.14 -2.98
C GLU A 165 32.78 -9.93 -3.32
N ARG A 166 33.72 -10.08 -4.26
CA ARG A 166 34.61 -8.97 -4.61
C ARG A 166 33.85 -7.86 -5.33
N LEU A 167 32.98 -8.22 -6.27
CA LEU A 167 32.24 -7.21 -7.02
C LEU A 167 31.24 -6.49 -6.12
N VAL A 168 30.60 -7.22 -5.20
CA VAL A 168 29.69 -6.59 -4.24
C VAL A 168 30.44 -5.61 -3.37
N ALA A 169 31.65 -5.99 -2.92
CA ALA A 169 32.44 -5.09 -2.08
C ALA A 169 32.81 -3.81 -2.82
N ASP A 170 33.04 -3.91 -4.14
CA ASP A 170 33.31 -2.72 -4.94
C ASP A 170 32.14 -1.76 -4.96
N TYR A 171 30.92 -2.26 -4.77
CA TYR A 171 29.72 -1.43 -4.75
C TYR A 171 28.89 -1.72 -3.50
N ALA A 172 29.57 -1.84 -2.35
CA ALA A 172 28.93 -2.28 -1.12
C ALA A 172 27.86 -1.31 -0.62
N ASP A 173 27.85 -0.08 -1.10
CA ASP A 173 26.80 0.86 -0.71
C ASP A 173 25.50 0.63 -1.46
N ALA A 174 25.53 -0.05 -2.60
CA ALA A 174 24.36 -0.21 -3.44
C ALA A 174 23.92 -1.64 -3.65
N TYR A 175 24.79 -2.62 -3.41
CA TYR A 175 24.50 -4.00 -3.72
C TYR A 175 24.87 -4.90 -2.55
N VAL A 176 24.23 -6.07 -2.52
CA VAL A 176 24.44 -7.06 -1.48
C VAL A 176 24.40 -8.44 -2.12
N LEU A 177 25.04 -9.40 -1.46
CA LEU A 177 25.11 -10.78 -1.94
C LEU A 177 23.99 -11.61 -1.33
N GLN A 178 23.39 -12.46 -2.14
CA GLN A 178 22.33 -13.38 -1.70
C GLN A 178 22.71 -14.78 -2.16
N PRO A 179 23.40 -15.54 -1.32
CA PRO A 179 23.70 -16.95 -1.66
C PRO A 179 22.42 -17.76 -1.74
N GLY A 180 22.45 -18.78 -2.58
CA GLY A 180 21.37 -19.76 -2.64
C GLY A 180 21.92 -21.11 -3.02
N LYS A 181 21.04 -22.09 -3.20
CA LYS A 181 21.45 -23.41 -3.63
C LYS A 181 22.16 -23.35 -4.97
N MET A 182 23.47 -23.61 -4.97
CA MET A 182 24.31 -23.64 -6.18
C MET A 182 24.27 -22.32 -6.96
N VAL A 183 24.10 -21.21 -6.26
CA VAL A 183 24.00 -19.90 -6.92
C VAL A 183 24.48 -18.82 -5.97
N PHE A 184 25.05 -17.76 -6.54
CA PHE A 184 25.28 -16.50 -5.84
C PHE A 184 24.58 -15.41 -6.64
N GLU A 185 23.66 -14.70 -5.99
CA GLU A 185 22.93 -13.62 -6.62
C GLU A 185 23.40 -12.28 -6.07
N ILE A 186 23.46 -11.30 -6.95
CA ILE A 186 23.82 -9.93 -6.62
C ILE A 186 22.59 -9.07 -6.85
N LYS A 187 22.19 -8.31 -5.84
CA LYS A 187 20.89 -7.65 -5.89
C LYS A 187 20.99 -6.31 -5.17
N PRO A 188 20.11 -5.36 -5.47
CA PRO A 188 20.17 -4.06 -4.81
C PRO A 188 20.12 -4.20 -3.29
N LYS A 189 20.90 -3.35 -2.62
CA LYS A 189 20.91 -3.29 -1.16
C LYS A 189 19.60 -2.72 -0.64
N GLY A 190 19.19 -3.18 0.53
CA GLY A 190 18.07 -2.56 1.22
C GLY A 190 16.70 -3.07 0.86
N VAL A 191 16.58 -4.11 0.03
CA VAL A 191 15.32 -4.82 -0.17
C VAL A 191 15.57 -6.30 0.10
N ASP A 192 14.58 -6.97 0.68
CA ASP A 192 14.67 -8.40 0.92
C ASP A 192 13.26 -8.96 1.05
N LYS A 193 13.18 -10.30 1.16
CA LYS A 193 11.88 -10.95 1.18
C LYS A 193 11.10 -10.59 2.44
N GLY A 194 11.80 -10.39 3.56
CA GLY A 194 11.12 -9.96 4.78
C GLY A 194 10.50 -8.58 4.62
N ARG A 195 11.28 -7.63 4.09
CA ARG A 195 10.76 -6.29 3.86
C ARG A 195 9.57 -6.32 2.90
N ALA A 196 9.62 -7.19 1.89
CA ALA A 196 8.51 -7.29 0.95
C ALA A 196 7.26 -7.84 1.62
N VAL A 197 7.41 -8.87 2.46
CA VAL A 197 6.27 -9.38 3.21
C VAL A 197 5.71 -8.29 4.12
N ALA A 198 6.60 -7.58 4.82
CA ALA A 198 6.15 -6.53 5.73
C ALA A 198 5.44 -5.41 4.98
N ALA A 199 5.85 -5.14 3.73
CA ALA A 199 5.16 -4.14 2.92
C ALA A 199 3.77 -4.61 2.51
N PHE A 200 3.65 -5.89 2.12
CA PHE A 200 2.33 -6.45 1.84
C PHE A 200 1.42 -6.35 3.05
N LEU A 201 1.95 -6.67 4.23
CA LEU A 201 1.16 -6.67 5.46
C LEU A 201 0.74 -5.27 5.90
N ASN A 202 1.24 -4.22 5.26
CA ASN A 202 0.79 -2.86 5.53
C ASN A 202 -0.29 -2.39 4.56
N GLU A 203 -0.77 -3.28 3.69
CA GLU A 203 -1.69 -2.92 2.63
C GLU A 203 -2.86 -3.89 2.60
N PRO A 204 -4.02 -3.47 2.10
CA PRO A 204 -5.09 -4.43 1.85
C PRO A 204 -4.73 -5.31 0.67
N PRO A 205 -5.18 -6.57 0.66
CA PRO A 205 -6.04 -7.16 1.68
C PRO A 205 -5.26 -7.88 2.78
N PHE A 206 -3.93 -7.73 2.79
CA PHE A 206 -3.11 -8.54 3.69
C PHE A 206 -3.14 -8.02 5.13
N ALA A 207 -3.31 -6.70 5.31
CA ALA A 207 -3.05 -6.06 6.59
C ALA A 207 -3.88 -6.67 7.71
N GLY A 208 -3.23 -6.91 8.85
CA GLY A 208 -3.89 -7.42 10.03
C GLY A 208 -4.10 -8.93 10.07
N ARG A 209 -3.87 -9.63 8.96
CA ARG A 209 -4.11 -11.06 8.91
C ARG A 209 -2.91 -11.84 9.45
N MET A 210 -3.17 -13.08 9.84
CA MET A 210 -2.09 -13.96 10.26
C MET A 210 -1.30 -14.40 9.04
N PRO A 211 0.02 -14.16 8.98
CA PRO A 211 0.78 -14.49 7.79
C PRO A 211 1.33 -15.92 7.79
N VAL A 212 1.27 -16.54 6.62
CA VAL A 212 1.95 -17.80 6.35
C VAL A 212 3.04 -17.52 5.34
N PHE A 213 4.25 -18.04 5.59
CA PHE A 213 5.34 -17.94 4.63
C PHE A 213 5.99 -19.29 4.44
N ALA A 214 6.06 -19.76 3.19
CA ALA A 214 6.72 -21.02 2.86
C ALA A 214 7.90 -20.74 1.93
N GLY A 215 9.05 -21.35 2.23
CA GLY A 215 10.25 -21.16 1.42
C GLY A 215 11.21 -22.31 1.60
N ASP A 216 12.25 -22.32 0.76
CA ASP A 216 13.20 -23.43 0.75
C ASP A 216 14.67 -23.03 0.85
N ASP A 217 15.02 -21.75 0.73
CA ASP A 217 16.41 -21.37 0.58
C ASP A 217 16.75 -20.25 1.56
N LEU A 218 18.00 -19.81 1.53
CA LEU A 218 18.50 -18.85 2.52
C LEU A 218 17.75 -17.53 2.42
N THR A 219 17.43 -17.08 1.21
CA THR A 219 16.70 -15.84 1.03
C THR A 219 15.38 -15.86 1.78
N ASP A 220 14.78 -17.04 1.93
CA ASP A 220 13.46 -17.17 2.55
C ASP A 220 13.49 -17.04 4.06
N GLU A 221 14.67 -17.14 4.68
CA GLU A 221 14.75 -17.02 6.12
C GLU A 221 14.27 -15.65 6.60
N GLN A 222 14.46 -14.61 5.77
CA GLN A 222 13.94 -13.30 6.13
C GLN A 222 12.42 -13.23 6.02
N GLY A 223 11.83 -14.04 5.14
CA GLY A 223 10.38 -14.17 5.13
C GLY A 223 9.87 -14.91 6.35
N PHE A 224 10.54 -16.01 6.74
CA PHE A 224 10.19 -16.71 7.98
C PHE A 224 10.30 -15.77 9.18
N ALA A 225 11.35 -14.94 9.21
CA ALA A 225 11.54 -14.02 10.32
C ALA A 225 10.35 -13.08 10.47
N VAL A 226 9.89 -12.51 9.36
CA VAL A 226 8.80 -11.54 9.41
C VAL A 226 7.48 -12.24 9.74
N ALA A 227 7.27 -13.44 9.20
CA ALA A 227 6.06 -14.18 9.55
C ALA A 227 6.04 -14.54 11.03
N ASN A 228 7.19 -14.92 11.58
CA ASN A 228 7.28 -15.26 12.99
C ASN A 228 7.08 -14.02 13.87
N ALA A 229 7.74 -12.92 13.53
CA ALA A 229 7.58 -11.69 14.30
C ALA A 229 6.12 -11.27 14.42
N ASN A 230 5.33 -11.57 13.40
CA ASN A 230 3.90 -11.25 13.38
C ASN A 230 3.03 -12.39 13.88
N GLY A 231 3.61 -13.36 14.59
CA GLY A 231 2.83 -14.44 15.17
C GLY A 231 2.27 -15.43 14.17
N GLY A 232 2.90 -15.59 13.02
CA GLY A 232 2.39 -16.40 11.94
C GLY A 232 3.04 -17.77 11.87
N LEU A 233 2.92 -18.39 10.69
CA LEU A 233 3.36 -19.77 10.46
C LEU A 233 4.41 -19.78 9.35
N SER A 234 5.65 -20.11 9.70
CA SER A 234 6.74 -20.25 8.75
C SER A 234 6.95 -21.73 8.43
N ILE A 235 7.08 -22.06 7.15
CA ILE A 235 7.21 -23.44 6.69
C ILE A 235 8.44 -23.56 5.81
N LYS A 236 9.44 -24.28 6.30
CA LYS A 236 10.61 -24.62 5.50
C LYS A 236 10.31 -25.86 4.66
N VAL A 237 10.60 -25.78 3.37
CA VAL A 237 10.44 -26.90 2.45
C VAL A 237 11.80 -27.58 2.28
N GLY A 238 11.87 -28.86 2.63
CA GLY A 238 13.08 -29.61 2.44
C GLY A 238 14.05 -29.51 3.61
N ALA A 239 15.27 -29.98 3.36
CA ALA A 239 16.27 -30.11 4.40
C ALA A 239 17.03 -28.79 4.61
N GLY A 240 17.66 -28.69 5.77
CA GLY A 240 18.50 -27.55 6.12
C GLY A 240 18.10 -26.91 7.44
N ASP A 241 19.08 -26.33 8.12
CA ASP A 241 18.81 -25.49 9.29
C ASP A 241 17.90 -24.34 8.89
N THR A 242 17.00 -23.96 9.79
CA THR A 242 16.02 -22.93 9.45
C THR A 242 15.48 -22.32 10.73
N THR A 243 14.98 -21.09 10.61
CA THR A 243 14.20 -20.46 11.66
C THR A 243 12.71 -20.67 11.47
N ALA A 244 12.31 -21.41 10.43
CA ALA A 244 10.91 -21.71 10.24
C ALA A 244 10.39 -22.59 11.38
N ARG A 245 9.13 -22.36 11.75
CA ARG A 245 8.55 -23.10 12.86
C ARG A 245 8.05 -24.47 12.47
N ALA A 246 7.73 -24.67 11.19
CA ALA A 246 7.28 -25.96 10.69
C ALA A 246 8.08 -26.32 9.45
N ARG A 247 8.11 -27.62 9.15
CA ARG A 247 8.89 -28.12 8.02
C ARG A 247 8.10 -29.19 7.29
N VAL A 248 8.26 -29.23 5.96
CA VAL A 248 7.74 -30.31 5.15
C VAL A 248 8.88 -30.89 4.32
N ASP A 249 8.70 -32.12 3.87
CA ASP A 249 9.79 -32.84 3.23
C ASP A 249 10.06 -32.35 1.81
N SER A 250 9.06 -31.82 1.13
CA SER A 250 9.14 -31.71 -0.31
C SER A 250 8.13 -30.70 -0.82
N VAL A 251 8.31 -30.31 -2.08
CA VAL A 251 7.36 -29.46 -2.78
C VAL A 251 5.99 -30.13 -2.81
N ALA A 252 5.96 -31.43 -3.14
CA ALA A 252 4.70 -32.16 -3.16
C ALA A 252 4.03 -32.15 -1.79
N ALA A 253 4.81 -32.29 -0.71
CA ALA A 253 4.22 -32.29 0.62
C ALA A 253 3.68 -30.91 0.98
N LEU A 254 4.33 -29.85 0.54
CA LEU A 254 3.81 -28.52 0.80
C LEU A 254 2.54 -28.29 0.02
N ARG A 255 2.58 -28.70 -1.24
CA ARG A 255 1.44 -28.58 -2.09
C ARG A 255 0.23 -29.27 -1.40
N ALA A 256 0.46 -30.45 -0.88
CA ALA A 256 -0.57 -31.19 -0.20
C ALA A 256 -1.16 -30.45 0.99
N GLN A 257 -0.35 -29.68 1.69
CA GLN A 257 -0.88 -28.89 2.81
C GLN A 257 -1.82 -27.80 2.30
N LEU A 258 -1.42 -27.06 1.27
CA LEU A 258 -2.31 -26.06 0.69
C LEU A 258 -3.62 -26.69 0.22
N ALA A 259 -3.52 -27.86 -0.41
CA ALA A 259 -4.72 -28.53 -0.91
C ALA A 259 -5.67 -28.88 0.21
N ARG A 260 -5.13 -29.28 1.38
CA ARG A 260 -5.98 -29.59 2.52
C ARG A 260 -6.64 -28.33 3.08
N TRP A 261 -5.88 -27.23 3.18
CA TRP A 261 -6.46 -25.97 3.63
C TRP A 261 -7.60 -25.52 2.70
N ILE A 262 -7.40 -25.69 1.39
CA ILE A 262 -8.44 -25.33 0.43
C ILE A 262 -9.66 -26.21 0.62
N ALA A 263 -9.44 -27.53 0.68
CA ALA A 263 -10.56 -28.46 0.83
C ALA A 263 -11.33 -28.17 2.12
N ALA A 264 -10.61 -27.91 3.22
CA ALA A 264 -11.30 -27.61 4.48
C ALA A 264 -12.07 -26.31 4.39
N GLY A 265 -11.66 -25.40 3.50
CA GLY A 265 -12.38 -24.15 3.29
C GLY A 265 -13.54 -24.28 2.30
N ARG A 266 -13.30 -24.96 1.17
CA ARG A 266 -14.31 -25.19 0.12
C ARG A 266 -13.68 -25.94 -1.06
N ALA B 12 -24.83 21.36 22.49
CA ALA B 12 -25.96 21.27 23.41
C ALA B 12 -26.78 20.02 23.12
N ALA B 13 -27.26 19.40 24.21
CA ALA B 13 -28.04 18.17 24.25
C ALA B 13 -27.18 16.92 24.10
N ILE B 14 -26.32 16.83 23.08
CA ILE B 14 -25.57 15.59 22.84
C ILE B 14 -24.07 15.90 22.71
N LEU B 15 -23.28 15.27 23.57
CA LEU B 15 -21.84 15.41 23.60
C LEU B 15 -21.20 14.02 23.57
N PHE B 16 -20.26 13.82 22.66
CA PHE B 16 -19.43 12.63 22.68
C PHE B 16 -18.13 12.93 23.43
N SER B 17 -17.78 12.08 24.39
CA SER B 17 -16.55 12.21 25.14
C SER B 17 -15.37 11.69 24.32
N GLU B 18 -14.17 12.02 24.78
CA GLU B 18 -12.94 11.56 24.14
C GLU B 18 -12.70 10.12 24.59
N SER B 19 -13.04 9.18 23.71
CA SER B 19 -13.09 7.76 24.00
C SER B 19 -13.49 7.09 22.70
N MET B 20 -13.26 5.77 22.65
CA MET B 20 -13.92 5.14 21.52
C MET B 20 -15.42 5.26 21.73
N GLN B 21 -16.07 5.20 20.57
CA GLN B 21 -17.52 5.39 20.57
C GLN B 21 -18.19 4.45 19.57
N SER B 22 -19.35 3.93 19.94
CA SER B 22 -20.21 3.21 19.01
C SER B 22 -20.98 4.19 18.13
N ILE B 23 -21.26 3.74 16.90
CA ILE B 23 -22.12 4.50 15.99
C ILE B 23 -23.52 4.53 16.58
N PRO B 24 -24.08 5.72 16.86
CA PRO B 24 -25.42 5.77 17.45
C PRO B 24 -26.51 5.33 16.48
N LEU B 25 -27.60 4.83 17.03
CA LEU B 25 -28.71 4.36 16.20
C LEU B 25 -29.40 5.51 15.49
N SER B 26 -29.43 6.69 16.11
CA SER B 26 -30.06 7.87 15.53
C SER B 26 -29.31 9.11 16.00
N LEU B 27 -29.58 10.23 15.33
CA LEU B 27 -29.02 11.52 15.70
C LEU B 27 -30.07 12.58 15.48
N PRO B 28 -30.07 13.67 16.27
CA PRO B 28 -30.96 14.79 15.98
C PRO B 28 -30.48 15.56 14.76
N LEU B 29 -31.05 15.24 13.60
CA LEU B 29 -30.53 15.74 12.33
C LEU B 29 -30.60 17.26 12.25
N SER B 30 -31.61 17.89 12.85
CA SER B 30 -31.72 19.34 12.78
C SER B 30 -30.71 20.06 13.66
N ARG B 31 -29.95 19.34 14.48
CA ARG B 31 -28.96 19.94 15.35
C ARG B 31 -27.58 19.33 15.13
N THR B 32 -27.37 18.63 14.02
CA THR B 32 -26.11 18.00 13.70
C THR B 32 -25.54 18.58 12.41
N ALA B 33 -24.22 18.72 12.36
CA ALA B 33 -23.49 19.06 11.14
C ALA B 33 -22.77 17.83 10.64
N PHE B 34 -22.85 17.58 9.32
CA PHE B 34 -22.27 16.38 8.72
C PHE B 34 -21.18 16.77 7.73
N PHE B 35 -20.00 16.18 7.87
CA PHE B 35 -18.89 16.40 6.95
C PHE B 35 -18.41 15.04 6.49
N PHE B 36 -18.35 14.84 5.16
CA PHE B 36 -17.98 13.57 4.57
C PHE B 36 -16.82 13.75 3.60
N ASP B 37 -15.76 12.97 3.78
CA ASP B 37 -14.83 12.74 2.70
C ASP B 37 -15.53 11.98 1.57
N PHE B 38 -14.97 12.09 0.35
CA PHE B 38 -15.59 11.48 -0.83
C PHE B 38 -14.97 10.12 -1.14
N ASP B 39 -13.79 10.12 -1.78
CA ASP B 39 -13.17 8.88 -2.22
C ASP B 39 -12.79 8.01 -1.03
N GLY B 40 -13.11 6.72 -1.12
CA GLY B 40 -12.86 5.80 -0.03
C GLY B 40 -13.75 5.96 1.17
N THR B 41 -14.64 6.96 1.17
CA THR B 41 -15.55 7.19 2.28
C THR B 41 -17.00 7.05 1.84
N LEU B 42 -17.44 7.84 0.85
CA LEU B 42 -18.78 7.70 0.30
C LEU B 42 -18.79 6.83 -0.95
N VAL B 43 -17.66 6.72 -1.65
CA VAL B 43 -17.54 5.86 -2.83
C VAL B 43 -16.27 5.04 -2.68
N ASP B 44 -16.26 3.89 -3.33
CA ASP B 44 -15.15 2.96 -3.19
C ASP B 44 -13.91 3.48 -3.91
N LEU B 45 -12.75 3.06 -3.42
CA LEU B 45 -11.49 3.41 -4.06
C LEU B 45 -11.42 2.80 -5.45
N ALA B 46 -10.76 3.51 -6.35
CA ALA B 46 -10.56 3.04 -7.72
C ALA B 46 -9.08 3.10 -8.07
N PRO B 47 -8.65 2.27 -9.02
CA PRO B 47 -7.24 2.36 -9.45
C PRO B 47 -6.83 3.75 -9.91
N THR B 48 -7.70 4.45 -10.63
CA THR B 48 -7.46 5.81 -11.09
C THR B 48 -8.58 6.73 -10.60
N PRO B 49 -8.31 8.04 -10.50
CA PRO B 49 -9.37 8.96 -10.05
C PRO B 49 -10.66 8.92 -10.88
N ASP B 50 -10.56 8.85 -12.21
CA ASP B 50 -11.79 8.89 -13.00
C ASP B 50 -12.48 7.53 -13.11
N ALA B 51 -11.88 6.45 -12.59
CA ALA B 51 -12.53 5.15 -12.65
C ALA B 51 -13.48 4.90 -11.50
N ILE B 52 -13.60 5.82 -10.54
CA ILE B 52 -14.57 5.63 -9.48
C ILE B 52 -15.96 5.51 -10.08
N GLN B 53 -16.82 4.75 -9.41
CA GLN B 53 -18.24 4.67 -9.77
C GLN B 53 -19.05 5.11 -8.57
N VAL B 54 -19.97 6.04 -8.82
CA VAL B 54 -20.78 6.62 -7.76
C VAL B 54 -22.19 6.06 -7.89
N PRO B 55 -22.60 5.12 -7.05
CA PRO B 55 -23.96 4.62 -7.11
C PRO B 55 -24.94 5.74 -6.84
N PRO B 56 -26.13 5.70 -7.44
CA PRO B 56 -27.13 6.75 -7.18
C PRO B 56 -27.58 6.81 -5.72
N ASP B 57 -27.28 5.79 -4.92
CA ASP B 57 -27.52 5.86 -3.48
C ASP B 57 -26.83 7.07 -2.85
N VAL B 58 -25.63 7.41 -3.34
CA VAL B 58 -24.84 8.42 -2.67
C VAL B 58 -25.50 9.79 -2.77
N PRO B 59 -25.81 10.32 -3.97
CA PRO B 59 -26.51 11.63 -4.01
C PRO B 59 -27.86 11.61 -3.32
N VAL B 60 -28.60 10.50 -3.36
CA VAL B 60 -29.90 10.43 -2.69
C VAL B 60 -29.74 10.54 -1.18
N LEU B 61 -28.82 9.77 -0.60
CA LEU B 61 -28.62 9.82 0.85
C LEU B 61 -28.07 11.17 1.29
N VAL B 62 -27.12 11.74 0.52
CA VAL B 62 -26.55 13.03 0.88
C VAL B 62 -27.62 14.10 0.82
N ASP B 63 -28.44 14.08 -0.23
CA ASP B 63 -29.49 15.09 -0.40
C ASP B 63 -30.53 14.98 0.70
N ALA B 64 -30.92 13.74 1.05
CA ALA B 64 -31.91 13.55 2.11
C ALA B 64 -31.38 14.09 3.44
N LEU B 65 -30.12 13.80 3.76
CA LEU B 65 -29.50 14.33 4.96
C LEU B 65 -29.43 15.86 4.91
N ARG B 66 -29.13 16.40 3.74
CA ARG B 66 -29.11 17.85 3.57
C ARG B 66 -30.47 18.46 3.88
N GLN B 67 -31.54 17.84 3.38
CA GLN B 67 -32.88 18.38 3.64
C GLN B 67 -33.26 18.24 5.11
N LEU B 68 -33.00 17.06 5.69
CA LEU B 68 -33.46 16.80 7.05
C LEU B 68 -32.67 17.59 8.09
N SER B 69 -31.41 17.90 7.81
CA SER B 69 -30.59 18.72 8.69
C SER B 69 -30.72 20.20 8.40
N HIS B 70 -31.57 20.59 7.45
CA HIS B 70 -31.77 21.98 7.05
C HIS B 70 -30.46 22.62 6.58
N GLY B 71 -29.67 21.86 5.83
CA GLY B 71 -28.56 22.41 5.06
C GLY B 71 -27.18 22.16 5.62
N ALA B 72 -27.05 21.49 6.76
CA ALA B 72 -25.75 21.34 7.42
C ALA B 72 -25.03 20.07 6.98
N VAL B 73 -24.86 19.90 5.67
CA VAL B 73 -24.08 18.81 5.11
C VAL B 73 -23.05 19.41 4.16
N ALA B 74 -21.80 18.95 4.26
CA ALA B 74 -20.74 19.39 3.38
C ALA B 74 -19.87 18.20 3.00
N ILE B 75 -19.36 18.21 1.77
CA ILE B 75 -18.32 17.29 1.33
C ILE B 75 -16.98 17.97 1.55
N VAL B 76 -16.01 17.21 2.07
CA VAL B 76 -14.67 17.73 2.35
C VAL B 76 -13.71 16.71 1.75
N SER B 77 -13.17 17.02 0.57
CA SER B 77 -12.41 16.04 -0.21
CA SER B 77 -12.41 16.04 -0.21
C SER B 77 -11.15 16.67 -0.77
N GLY B 78 -10.22 15.80 -1.18
CA GLY B 78 -9.07 16.24 -1.95
C GLY B 78 -9.39 16.47 -3.42
N ARG B 79 -10.47 15.87 -3.89
CA ARG B 79 -11.01 16.17 -5.22
C ARG B 79 -11.46 17.62 -5.29
N GLY B 80 -11.47 18.17 -6.50
CA GLY B 80 -11.98 19.51 -6.71
C GLY B 80 -13.50 19.55 -6.67
N ILE B 81 -14.02 20.75 -6.44
CA ILE B 81 -15.47 20.95 -6.33
C ILE B 81 -16.18 20.54 -7.62
N ASP B 82 -15.63 20.96 -8.77
CA ASP B 82 -16.29 20.68 -10.04
C ASP B 82 -16.40 19.19 -10.30
N SER B 83 -15.39 18.42 -9.89
CA SER B 83 -15.47 16.96 -9.98
C SER B 83 -16.59 16.41 -9.10
N ILE B 84 -16.66 16.85 -7.85
CA ILE B 84 -17.71 16.40 -6.94
C ILE B 84 -19.07 16.69 -7.54
N ASP B 85 -19.26 17.92 -8.05
CA ASP B 85 -20.52 18.28 -8.67
C ASP B 85 -20.84 17.38 -9.86
N ALA B 86 -19.82 17.03 -10.65
CA ALA B 86 -20.05 16.16 -11.79
C ALA B 86 -20.59 14.80 -11.37
N TYR B 87 -20.14 14.29 -10.22
CA TYR B 87 -20.57 12.99 -9.76
C TYR B 87 -21.82 13.03 -8.89
N LEU B 88 -22.06 14.13 -8.17
CA LEU B 88 -23.21 14.21 -7.28
C LEU B 88 -24.40 14.95 -7.88
N ASN B 89 -24.14 15.96 -8.72
CA ASN B 89 -25.19 16.76 -9.34
C ASN B 89 -26.19 17.28 -8.30
N LEU B 90 -25.66 17.70 -7.15
CA LEU B 90 -26.48 18.22 -6.06
C LEU B 90 -26.32 19.73 -5.99
N PRO B 91 -27.37 20.50 -6.29
CA PRO B 91 -27.20 21.94 -6.52
C PRO B 91 -26.89 22.70 -5.24
N GLY B 92 -25.82 23.49 -5.27
CA GLY B 92 -25.47 24.29 -4.13
C GLY B 92 -25.04 23.51 -2.91
N LEU B 93 -24.64 22.27 -3.08
CA LEU B 93 -24.14 21.51 -1.95
C LEU B 93 -22.84 22.16 -1.45
N PRO B 94 -22.74 22.46 -0.15
CA PRO B 94 -21.46 22.94 0.39
C PRO B 94 -20.36 21.91 0.19
N VAL B 95 -19.23 22.35 -0.37
CA VAL B 95 -18.14 21.45 -0.74
C VAL B 95 -16.82 22.16 -0.50
N ALA B 96 -15.93 21.51 0.25
CA ALA B 96 -14.53 21.93 0.35
C ALA B 96 -13.71 20.97 -0.50
N GLY B 97 -13.17 21.47 -1.61
CA GLY B 97 -12.39 20.67 -2.52
C GLY B 97 -10.90 20.96 -2.40
N LEU B 98 -10.11 20.09 -3.04
CA LEU B 98 -8.65 20.20 -3.07
C LEU B 98 -8.10 20.43 -1.66
N HIS B 99 -8.60 19.63 -0.72
CA HIS B 99 -8.18 19.64 0.69
C HIS B 99 -8.45 20.98 1.37
N GLY B 100 -9.41 21.76 0.87
CA GLY B 100 -9.73 23.04 1.45
C GLY B 100 -9.24 24.24 0.67
N ALA B 101 -8.46 24.02 -0.41
CA ALA B 101 -7.96 25.13 -1.21
C ALA B 101 -9.07 25.86 -1.95
N GLU B 102 -10.22 25.21 -2.15
CA GLU B 102 -11.42 25.86 -2.63
C GLU B 102 -12.60 25.35 -1.81
N ARG B 103 -13.48 26.25 -1.41
CA ARG B 103 -14.59 25.91 -0.53
C ARG B 103 -15.82 26.69 -0.94
N ARG B 104 -16.88 25.96 -1.31
CA ARG B 104 -18.17 26.59 -1.57
C ARG B 104 -18.99 26.53 -0.29
N ASP B 105 -19.42 27.70 0.19
CA ASP B 105 -20.16 27.76 1.44
C ASP B 105 -21.66 27.53 1.19
N ALA B 106 -22.45 27.65 2.26
CA ALA B 106 -23.87 27.36 2.16
C ALA B 106 -24.62 28.42 1.36
N ASN B 107 -24.02 29.59 1.15
CA ASN B 107 -24.61 30.63 0.31
C ASN B 107 -24.21 30.52 -1.16
N GLY B 108 -23.45 29.50 -1.54
CA GLY B 108 -23.04 29.32 -2.90
C GLY B 108 -21.78 30.04 -3.31
N ASP B 109 -21.14 30.75 -2.40
CA ASP B 109 -19.90 31.48 -2.71
C ASP B 109 -18.70 30.56 -2.53
N THR B 110 -17.78 30.58 -3.50
CA THR B 110 -16.58 29.76 -3.44
C THR B 110 -15.39 30.62 -3.05
N GLN B 111 -14.70 30.21 -1.98
CA GLN B 111 -13.49 30.87 -1.52
C GLN B 111 -12.29 30.00 -1.86
N ARG B 112 -11.28 30.60 -2.48
CA ARG B 112 -10.06 29.90 -2.86
C ARG B 112 -8.86 30.45 -2.10
N ILE B 113 -7.93 29.56 -1.77
CA ILE B 113 -6.69 29.91 -1.08
C ILE B 113 -5.54 29.61 -2.04
N GLY B 114 -4.86 30.65 -2.50
CA GLY B 114 -3.64 30.48 -3.27
C GLY B 114 -3.81 30.27 -4.76
N PHE B 115 -5.04 30.23 -5.27
CA PHE B 115 -5.20 30.04 -6.71
C PHE B 115 -4.68 31.27 -7.45
N ASP B 116 -3.89 31.02 -8.51
CA ASP B 116 -3.27 32.02 -9.36
C ASP B 116 -2.14 32.77 -8.64
N ASP B 117 -1.77 32.35 -7.45
CA ASP B 117 -0.68 32.99 -6.72
C ASP B 117 0.57 33.06 -7.60
N PRO B 118 1.18 34.24 -7.77
CA PRO B 118 2.40 34.30 -8.59
C PRO B 118 3.49 33.37 -8.10
N ARG B 119 3.58 33.15 -6.79
CA ARG B 119 4.65 32.33 -6.23
C ARG B 119 4.51 30.86 -6.64
N LEU B 120 3.28 30.34 -6.64
CA LEU B 120 3.06 28.98 -7.11
C LEU B 120 3.59 28.80 -8.53
N LEU B 121 3.30 29.76 -9.41
CA LEU B 121 3.74 29.63 -10.79
C LEU B 121 5.27 29.68 -10.89
N ARG B 122 5.93 30.43 -10.01
CA ARG B 122 7.39 30.44 -10.01
C ARG B 122 7.96 29.11 -9.52
N ILE B 123 7.38 28.57 -8.44
CA ILE B 123 7.80 27.24 -7.96
C ILE B 123 7.58 26.21 -9.05
N GLU B 124 6.41 26.26 -9.69
CA GLU B 124 6.08 25.33 -10.75
C GLU B 124 7.08 25.40 -11.91
N ARG B 125 7.55 26.60 -12.23
CA ARG B 125 8.50 26.74 -13.34
C ARG B 125 9.86 26.17 -12.97
N GLU B 126 10.31 26.38 -11.73
CA GLU B 126 11.56 25.76 -11.27
C GLU B 126 11.47 24.25 -11.32
N LEU B 127 10.35 23.69 -10.85
CA LEU B 127 10.21 22.24 -10.86
C LEU B 127 10.07 21.69 -12.27
N ALA B 128 9.43 22.44 -13.18
CA ALA B 128 9.33 22.00 -14.56
C ALA B 128 10.70 21.90 -15.20
N ALA B 129 11.64 22.77 -14.80
CA ALA B 129 13.01 22.64 -15.25
C ALA B 129 13.63 21.36 -14.70
N LEU B 130 13.45 21.10 -13.41
CA LEU B 130 14.04 19.92 -12.80
C LEU B 130 13.54 18.64 -13.45
N VAL B 131 12.21 18.53 -13.66
CA VAL B 131 11.66 17.28 -14.17
C VAL B 131 12.03 17.07 -15.64
N ASP B 132 12.18 18.16 -16.40
CA ASP B 132 12.57 18.01 -17.80
C ASP B 132 13.96 17.42 -17.95
N ARG B 133 14.87 17.72 -17.01
CA ARG B 133 16.21 17.14 -17.07
C ARG B 133 16.20 15.66 -16.67
N HIS B 134 15.42 15.29 -15.66
CA HIS B 134 15.48 13.96 -15.05
C HIS B 134 14.28 13.13 -15.49
N PRO B 135 14.41 12.30 -16.52
CA PRO B 135 13.30 11.43 -16.91
C PRO B 135 12.89 10.52 -15.76
N GLY B 136 11.60 10.22 -15.69
CA GLY B 136 11.05 9.44 -14.61
C GLY B 136 10.36 10.32 -13.58
N MET B 137 10.92 11.49 -13.31
CA MET B 137 10.26 12.46 -12.45
C MET B 137 9.09 13.11 -13.19
N LEU B 138 8.02 13.38 -12.45
CA LEU B 138 6.82 13.96 -13.03
C LEU B 138 6.27 15.03 -12.10
N LEU B 139 5.96 16.20 -12.65
CA LEU B 139 5.38 17.30 -11.89
C LEU B 139 3.87 17.29 -12.09
N GLU B 140 3.13 17.05 -11.01
CA GLU B 140 1.67 17.10 -11.05
C GLU B 140 1.19 18.44 -10.50
N ILE B 141 0.38 19.14 -11.27
CA ILE B 141 -0.11 20.46 -10.94
C ILE B 141 -1.59 20.34 -10.54
N LYS B 142 -1.91 20.78 -9.32
CA LYS B 142 -3.22 20.56 -8.72
C LYS B 142 -3.80 21.91 -8.29
N GLY B 143 -4.08 22.76 -9.27
CA GLY B 143 -4.69 24.06 -9.00
C GLY B 143 -3.77 25.02 -8.26
N ALA B 144 -3.91 25.07 -6.93
CA ALA B 144 -3.08 25.92 -6.09
C ALA B 144 -1.94 25.17 -5.43
N ALA B 145 -1.82 23.86 -5.68
CA ALA B 145 -0.79 23.03 -5.07
C ALA B 145 -0.06 22.23 -6.15
N LEU B 146 1.10 21.70 -5.78
CA LEU B 146 1.95 20.92 -6.67
C LEU B 146 2.31 19.60 -6.02
N ALA B 147 2.68 18.63 -6.85
CA ALA B 147 3.20 17.35 -6.36
C ALA B 147 4.36 16.92 -7.25
N LEU B 148 5.50 16.67 -6.62
CA LEU B 148 6.71 16.22 -7.32
C LEU B 148 6.85 14.71 -7.14
N HIS B 149 6.60 13.96 -8.21
CA HIS B 149 6.62 12.51 -8.18
C HIS B 149 7.98 11.98 -8.63
N PHE B 150 8.42 10.89 -8.00
CA PHE B 150 9.61 10.19 -8.44
C PHE B 150 9.42 8.68 -8.38
N ARG B 151 8.16 8.23 -8.47
CA ARG B 151 7.88 6.80 -8.44
C ARG B 151 8.60 6.07 -9.56
N ASN B 152 8.60 6.63 -10.76
CA ASN B 152 9.28 6.04 -11.91
C ASN B 152 10.71 6.54 -12.06
N ALA B 153 11.27 7.16 -11.02
CA ALA B 153 12.68 7.52 -10.98
C ALA B 153 13.14 7.50 -9.53
N PRO B 154 13.18 6.32 -8.91
CA PRO B 154 13.37 6.26 -7.45
C PRO B 154 14.76 6.68 -7.00
N GLU B 155 15.76 6.57 -7.88
CA GLU B 155 17.13 6.98 -7.56
C GLU B 155 17.29 8.50 -7.49
N ARG B 156 16.26 9.27 -7.83
CA ARG B 156 16.29 10.72 -7.79
C ARG B 156 15.58 11.30 -6.56
N GLU B 157 15.32 10.48 -5.54
CA GLU B 157 14.59 10.96 -4.38
C GLU B 157 15.33 12.10 -3.68
N GLY B 158 16.66 11.99 -3.58
CA GLY B 158 17.43 13.05 -2.95
C GLY B 158 17.45 14.33 -3.76
N VAL B 159 17.45 14.22 -5.08
CA VAL B 159 17.37 15.41 -5.93
C VAL B 159 16.01 16.06 -5.79
N ALA B 160 14.94 15.24 -5.76
CA ALA B 160 13.60 15.77 -5.58
C ALA B 160 13.45 16.45 -4.23
N ARG B 161 14.06 15.87 -3.18
CA ARG B 161 13.89 16.41 -1.84
C ARG B 161 14.58 17.76 -1.69
N ALA B 162 15.83 17.86 -2.17
CA ALA B 162 16.58 19.10 -1.99
C ALA B 162 15.91 20.25 -2.73
N ALA B 163 15.48 20.02 -3.97
CA ALA B 163 14.86 21.09 -4.74
C ALA B 163 13.53 21.52 -4.12
N ALA B 164 12.70 20.55 -3.72
CA ALA B 164 11.40 20.89 -3.13
C ALA B 164 11.55 21.65 -1.82
N GLU B 165 12.47 21.20 -0.95
CA GLU B 165 12.67 21.90 0.31
C GLU B 165 13.18 23.32 0.08
N ARG B 166 14.09 23.50 -0.87
CA ARG B 166 14.63 24.83 -1.15
C ARG B 166 13.53 25.79 -1.58
N LEU B 167 12.66 25.35 -2.48
CA LEU B 167 11.61 26.22 -3.00
C LEU B 167 10.59 26.57 -1.91
N VAL B 168 10.16 25.57 -1.13
CA VAL B 168 9.28 25.85 0.00
C VAL B 168 9.92 26.85 0.94
N ALA B 169 11.24 26.73 1.16
CA ALA B 169 11.93 27.63 2.08
C ALA B 169 11.94 29.07 1.55
N ASP B 170 12.03 29.24 0.23
CA ASP B 170 11.96 30.58 -0.34
C ASP B 170 10.62 31.25 -0.08
N TYR B 171 9.56 30.48 0.17
CA TYR B 171 8.23 31.00 0.42
C TYR B 171 7.63 30.33 1.65
N ALA B 172 8.45 30.17 2.70
CA ALA B 172 7.98 29.54 3.94
C ALA B 172 6.88 30.35 4.60
N ASP B 173 6.73 31.62 4.23
CA ASP B 173 5.62 32.44 4.68
C ASP B 173 4.28 31.84 4.27
N ALA B 174 4.22 31.16 3.12
CA ALA B 174 2.95 30.84 2.49
C ALA B 174 2.84 29.43 1.95
N TYR B 175 3.90 28.62 1.95
CA TYR B 175 3.83 27.27 1.42
C TYR B 175 4.50 26.30 2.38
N VAL B 176 3.99 25.07 2.40
CA VAL B 176 4.51 24.01 3.26
C VAL B 176 4.82 22.79 2.41
N LEU B 177 5.83 22.05 2.83
CA LEU B 177 6.21 20.80 2.20
C LEU B 177 5.61 19.63 2.99
N GLN B 178 5.09 18.65 2.27
CA GLN B 178 4.51 17.46 2.89
C GLN B 178 4.99 16.24 2.12
N PRO B 179 5.91 15.46 2.67
CA PRO B 179 6.36 14.24 1.98
C PRO B 179 5.27 13.18 1.96
N GLY B 180 5.29 12.38 0.89
CA GLY B 180 4.39 11.25 0.77
C GLY B 180 5.10 10.05 0.17
N LYS B 181 4.33 9.06 -0.27
CA LYS B 181 4.89 7.86 -0.87
C LYS B 181 5.33 8.19 -2.30
N MET B 182 6.65 8.22 -2.52
CA MET B 182 7.25 8.50 -3.84
C MET B 182 6.81 9.88 -4.38
N VAL B 183 6.69 10.85 -3.48
CA VAL B 183 6.16 12.17 -3.85
C VAL B 183 6.52 13.17 -2.77
N PHE B 184 6.67 14.44 -3.17
CA PHE B 184 6.71 15.57 -2.25
C PHE B 184 5.63 16.56 -2.67
N GLU B 185 4.67 16.80 -1.78
CA GLU B 185 3.59 17.73 -2.05
C GLU B 185 3.94 19.13 -1.57
N ILE B 186 3.63 20.13 -2.40
CA ILE B 186 3.80 21.53 -2.03
C ILE B 186 2.42 22.18 -2.02
N LYS B 187 1.93 22.52 -0.83
CA LYS B 187 0.61 23.04 -0.59
C LYS B 187 0.69 24.42 0.05
N PRO B 188 -0.25 25.32 -0.25
CA PRO B 188 -0.34 26.58 0.49
C PRO B 188 -0.62 26.32 1.96
N LYS B 189 -0.20 27.27 2.80
CA LYS B 189 -0.47 27.18 4.23
C LYS B 189 -1.96 27.35 4.49
N GLY B 190 -2.43 26.73 5.58
CA GLY B 190 -3.82 26.83 5.94
C GLY B 190 -4.77 26.06 5.04
N VAL B 191 -4.27 25.05 4.33
CA VAL B 191 -5.07 24.23 3.44
C VAL B 191 -5.02 22.81 3.95
N ASP B 192 -6.08 22.38 4.63
CA ASP B 192 -6.28 21.00 5.03
C ASP B 192 -7.74 20.82 5.41
N LYS B 193 -8.13 19.56 5.59
CA LYS B 193 -9.55 19.27 5.81
C LYS B 193 -10.02 19.73 7.18
N GLY B 194 -9.14 19.70 8.18
CA GLY B 194 -9.52 20.20 9.49
C GLY B 194 -9.83 21.68 9.46
N ARG B 195 -9.03 22.46 8.72
CA ARG B 195 -9.31 23.89 8.63
C ARG B 195 -10.60 24.14 7.84
N ALA B 196 -10.88 23.31 6.83
CA ALA B 196 -12.12 23.47 6.09
C ALA B 196 -13.33 23.16 6.97
N VAL B 197 -13.24 22.09 7.77
CA VAL B 197 -14.31 21.79 8.73
C VAL B 197 -14.49 22.97 9.69
N ALA B 198 -13.37 23.44 10.25
CA ALA B 198 -13.43 24.55 11.20
C ALA B 198 -14.09 25.78 10.60
N ALA B 199 -13.79 26.07 9.32
CA ALA B 199 -14.39 27.21 8.66
C ALA B 199 -15.90 27.03 8.50
N PHE B 200 -16.34 25.83 8.13
CA PHE B 200 -17.77 25.58 8.01
C PHE B 200 -18.49 25.80 9.33
N LEU B 201 -17.89 25.30 10.44
CA LEU B 201 -18.50 25.40 11.75
C LEU B 201 -18.60 26.83 12.27
N ASN B 202 -17.96 27.80 11.61
CA ASN B 202 -18.10 29.21 11.91
C ASN B 202 -19.17 29.88 11.06
N GLU B 203 -19.94 29.10 10.31
CA GLU B 203 -20.91 29.65 9.37
C GLU B 203 -22.26 28.95 9.55
N PRO B 204 -23.35 29.68 9.37
CA PRO B 204 -24.65 29.02 9.27
C PRO B 204 -24.70 28.16 8.03
N PRO B 205 -25.41 27.02 8.07
CA PRO B 205 -26.14 26.55 9.24
C PRO B 205 -25.37 25.56 10.11
N PHE B 206 -24.06 25.41 9.86
CA PHE B 206 -23.29 24.45 10.65
C PHE B 206 -22.99 24.97 12.05
N ALA B 207 -22.90 26.29 12.22
CA ALA B 207 -22.45 26.85 13.48
C ALA B 207 -23.35 26.40 14.63
N GLY B 208 -22.72 26.03 15.75
CA GLY B 208 -23.43 25.61 16.94
C GLY B 208 -23.84 24.16 16.98
N ARG B 209 -23.68 23.42 15.90
CA ARG B 209 -24.13 22.04 15.84
C ARG B 209 -23.00 21.07 16.14
N MET B 210 -23.37 19.96 16.76
CA MET B 210 -22.44 18.86 16.96
C MET B 210 -22.01 18.30 15.61
N PRO B 211 -20.72 18.27 15.30
CA PRO B 211 -20.27 17.78 14.00
C PRO B 211 -20.05 16.28 13.96
N VAL B 212 -20.36 15.71 12.80
CA VAL B 212 -19.97 14.36 12.41
C VAL B 212 -19.01 14.48 11.24
N PHE B 213 -17.87 13.78 11.31
CA PHE B 213 -16.92 13.75 10.22
C PHE B 213 -16.50 12.31 9.95
N ALA B 214 -16.68 11.86 8.71
CA ALA B 214 -16.30 10.51 8.29
C ALA B 214 -15.20 10.58 7.24
N GLY B 215 -14.20 9.70 7.37
CA GLY B 215 -13.09 9.68 6.43
C GLY B 215 -12.39 8.34 6.46
N ASP B 216 -11.43 8.16 5.55
CA ASP B 216 -10.80 6.87 5.36
C ASP B 216 -9.27 6.84 5.37
N ASP B 217 -8.58 7.98 5.28
CA ASP B 217 -7.12 7.90 5.25
C ASP B 217 -6.52 9.05 6.06
N LEU B 218 -5.20 9.22 5.93
CA LEU B 218 -4.45 10.12 6.82
C LEU B 218 -4.82 11.57 6.61
N THR B 219 -5.25 11.93 5.39
CA THR B 219 -5.66 13.32 5.14
C THR B 219 -6.95 13.68 5.87
N ASP B 220 -7.63 12.71 6.45
CA ASP B 220 -8.84 12.95 7.22
C ASP B 220 -8.60 13.07 8.71
N GLU B 221 -7.40 12.74 9.17
CA GLU B 221 -7.13 12.73 10.61
C GLU B 221 -7.35 14.11 11.22
N GLN B 222 -6.96 15.17 10.51
CA GLN B 222 -7.19 16.51 11.02
C GLN B 222 -8.68 16.84 11.09
N GLY B 223 -9.49 16.28 10.18
CA GLY B 223 -10.93 16.45 10.27
C GLY B 223 -11.50 15.74 11.48
N PHE B 224 -11.02 14.52 11.77
CA PHE B 224 -11.41 13.83 13.00
C PHE B 224 -11.07 14.67 14.22
N ALA B 225 -9.85 15.22 14.27
CA ALA B 225 -9.43 16.03 15.40
C ALA B 225 -10.33 17.24 15.61
N VAL B 226 -10.82 17.85 14.52
CA VAL B 226 -11.68 19.01 14.67
C VAL B 226 -13.05 18.61 15.18
N ALA B 227 -13.59 17.51 14.66
CA ALA B 227 -14.88 17.03 15.16
C ALA B 227 -14.80 16.68 16.63
N ASN B 228 -13.71 16.03 17.04
CA ASN B 228 -13.54 15.64 18.44
C ASN B 228 -13.45 16.87 19.35
N ALA B 229 -12.67 17.87 18.92
CA ALA B 229 -12.52 19.10 19.71
C ALA B 229 -13.87 19.76 19.99
N ASN B 230 -14.85 19.53 19.12
CA ASN B 230 -16.19 20.10 19.27
C ASN B 230 -17.17 19.11 19.87
N GLY B 231 -16.69 18.04 20.51
CA GLY B 231 -17.57 17.10 21.18
C GLY B 231 -18.42 16.26 20.27
N GLY B 232 -17.96 16.00 19.04
CA GLY B 232 -18.73 15.34 18.02
C GLY B 232 -18.27 13.93 17.74
N LEU B 233 -18.69 13.42 16.59
CA LEU B 233 -18.49 12.03 16.22
C LEU B 233 -17.59 11.95 14.99
N SER B 234 -16.37 11.46 15.19
CA SER B 234 -15.46 11.15 14.10
C SER B 234 -15.60 9.68 13.75
N ILE B 235 -15.68 9.37 12.45
CA ILE B 235 -15.91 8.00 11.99
C ILE B 235 -14.84 7.63 10.96
N LYS B 236 -14.06 6.60 11.28
CA LYS B 236 -13.06 6.07 10.36
C LYS B 236 -13.64 4.92 9.55
N VAL B 237 -13.46 4.97 8.24
CA VAL B 237 -13.85 3.89 7.34
C VAL B 237 -12.66 2.96 7.16
N GLY B 238 -12.86 1.68 7.49
CA GLY B 238 -11.81 0.70 7.31
C GLY B 238 -10.84 0.65 8.48
N ALA B 239 -9.80 -0.16 8.30
CA ALA B 239 -8.82 -0.43 9.33
C ALA B 239 -7.70 0.60 9.31
N GLY B 240 -6.91 0.60 10.38
CA GLY B 240 -5.78 1.50 10.52
C GLY B 240 -5.87 2.30 11.80
N ASP B 241 -4.71 2.74 12.29
CA ASP B 241 -4.69 3.64 13.44
C ASP B 241 -5.36 4.95 13.10
N THR B 242 -6.13 5.46 14.03
CA THR B 242 -6.82 6.69 13.81
C THR B 242 -7.15 7.43 15.10
N THR B 243 -7.39 8.73 14.99
CA THR B 243 -7.83 9.55 16.09
C THR B 243 -9.35 9.58 16.12
N ALA B 244 -9.97 9.04 15.10
CA ALA B 244 -11.41 8.94 15.02
C ALA B 244 -11.90 8.19 16.23
N ARG B 245 -13.08 8.54 16.71
CA ARG B 245 -13.64 7.89 17.89
C ARG B 245 -14.44 6.63 17.56
N ALA B 246 -15.08 6.59 16.39
CA ALA B 246 -15.88 5.45 15.94
C ALA B 246 -15.27 4.87 14.66
N ARG B 247 -15.76 3.70 14.28
CA ARG B 247 -15.22 3.00 13.11
C ARG B 247 -16.32 2.20 12.43
N VAL B 248 -16.29 2.17 11.09
CA VAL B 248 -17.14 1.28 10.30
C VAL B 248 -16.25 0.46 9.38
N ASP B 249 -16.77 -0.69 8.95
CA ASP B 249 -15.96 -1.64 8.20
C ASP B 249 -15.66 -1.18 6.78
N SER B 250 -16.54 -0.39 6.18
CA SER B 250 -16.47 -0.22 4.73
C SER B 250 -17.29 0.99 4.30
N VAL B 251 -17.14 1.32 3.01
CA VAL B 251 -17.98 2.32 2.37
C VAL B 251 -19.45 1.94 2.49
N ALA B 252 -19.77 0.68 2.15
CA ALA B 252 -21.17 0.23 2.22
C ALA B 252 -21.71 0.31 3.65
N ALA B 253 -20.88 -0.07 4.63
CA ALA B 253 -21.31 0.00 6.03
C ALA B 253 -21.60 1.45 6.44
N LEU B 254 -20.75 2.39 6.02
CA LEU B 254 -21.00 3.79 6.37
C LEU B 254 -22.29 4.28 5.74
N ARG B 255 -22.53 3.94 4.48
CA ARG B 255 -23.79 4.30 3.80
C ARG B 255 -24.98 3.75 4.57
N ALA B 256 -24.87 2.52 5.08
CA ALA B 256 -25.96 1.93 5.85
C ALA B 256 -26.25 2.74 7.11
N GLN B 257 -25.23 3.35 7.72
CA GLN B 257 -25.46 4.18 8.90
C GLN B 257 -26.23 5.43 8.53
N LEU B 258 -25.77 6.14 7.47
CA LEU B 258 -26.51 7.32 7.01
C LEU B 258 -27.95 6.97 6.69
N ALA B 259 -28.16 5.84 6.01
CA ALA B 259 -29.50 5.40 5.66
C ALA B 259 -30.39 5.24 6.89
N ARG B 260 -29.84 4.62 7.95
CA ARG B 260 -30.62 4.45 9.19
C ARG B 260 -30.90 5.79 9.86
N TRP B 261 -29.91 6.68 9.90
CA TRP B 261 -30.12 8.01 10.49
C TRP B 261 -31.24 8.74 9.76
N ILE B 262 -31.23 8.67 8.42
CA ILE B 262 -32.29 9.29 7.63
C ILE B 262 -33.63 8.64 7.95
N ALA B 263 -33.67 7.31 7.92
CA ALA B 263 -34.94 6.63 8.14
C ALA B 263 -35.48 6.87 9.53
N ALA B 264 -34.60 7.05 10.52
CA ALA B 264 -35.06 7.38 11.86
C ALA B 264 -35.65 8.79 11.91
N GLY B 265 -35.16 9.71 11.07
CA GLY B 265 -35.73 11.04 10.97
C GLY B 265 -37.15 11.06 10.42
MG MG C . 13.26 -21.16 -3.65
CL CL D . 15.53 -12.06 1.25
MG MG E . -10.78 9.58 1.13
#